data_1OXY
#
_entry.id   1OXY
#
_cell.length_a   117.240
_cell.length_b   117.240
_cell.length_c   285.860
_cell.angle_alpha   90.00
_cell.angle_beta   90.00
_cell.angle_gamma   120.00
#
_symmetry.space_group_name_H-M   'H 3 2'
#
loop_
_entity.id
_entity.type
_entity.pdbx_description
1 polymer 'HEMOCYANIN (SUBUNIT TYPE II)'
2 non-polymer 'COPPER (II) ION'
3 non-polymer 'OXYGEN MOLECULE'
4 water water
#
_entity_poly.entity_id   1
_entity_poly.type   'polypeptide(L)'
_entity_poly.pdbx_seq_one_letter_code
;TLHDKQIRICHLFEQLSSATVIGDGDKHKHSDRLKNVGKLQPGAIFSCFHPDHLEEARHLYEVFWEAGDFNDFIEIAKEA
RTFVNEGLFAFAAEVAVLHRDDCKGLYVPPVQEIFPDKFIPSAAINEAFKKAHVRPEFDESPILVDVQDTGNILDPEYRL
AYYREDVGINAHHWHWHLVYPSTWNPKYFGKKKDRKGELFYYMHQQMCARYDCERLSNGMHRMLPFNNFDEPLAGYAPHL
THVASGKYYSPRPDGLKLRDLGDIEISEMVRMRERILDSIHLGYVISEDGSHKTLDELHGTDILGALVESSYESVNHEYY
GNLHNWGHVTMARIHDPDGRFHEEPGVMSDTSTSLRDPIFYNWHRFIDNIFHEYKNTLKPYDHDVLNFPDIQVQDVTLHA
RVDNVVHTFMREQELELKHGINPGNARSIKAKYYHLDHEPFSYAVNVQNNSASDKHATVRIFLAPKYDELGNEIKADELR
RTAIELDKFKTDLHPGKNTVVRHSLDSSVTLSHQPTFEDLLHGVGLNEHKSEYCSCGWPSHLLVPKGNVAGMEYHLFVML
TDWDKDKVDGSESVACVDAVSYCGARDHKYPDKKPMGFPFDRPIHTEHISDFLTNNMFIKDIKIKFHE
;
_entity_poly.pdbx_strand_id   A
#
loop_
_chem_comp.id
_chem_comp.type
_chem_comp.name
_chem_comp.formula
CU non-polymer 'COPPER (II) ION' 'Cu 2'
OXY non-polymer 'OXYGEN MOLECULE' O2
#
# COMPACT_ATOMS: atom_id res chain seq x y z
N THR A 1 -10.57 -25.54 -0.49
CA THR A 1 -9.18 -25.62 -0.09
C THR A 1 -8.51 -26.88 -0.58
N LEU A 2 -9.24 -27.79 -1.25
CA LEU A 2 -8.65 -29.03 -1.73
C LEU A 2 -7.55 -28.71 -2.72
N HIS A 3 -6.48 -29.50 -2.55
CA HIS A 3 -5.29 -29.42 -3.36
C HIS A 3 -5.62 -29.50 -4.84
N ASP A 4 -6.67 -30.26 -5.16
CA ASP A 4 -7.12 -30.43 -6.52
C ASP A 4 -7.53 -29.09 -7.09
N LYS A 5 -8.29 -28.30 -6.31
CA LYS A 5 -8.74 -26.97 -6.71
C LYS A 5 -7.60 -25.96 -6.84
N GLN A 6 -6.61 -26.06 -5.93
CA GLN A 6 -5.45 -25.18 -5.93
C GLN A 6 -4.59 -25.32 -7.19
N ILE A 7 -4.42 -26.57 -7.61
CA ILE A 7 -3.66 -26.96 -8.78
C ILE A 7 -4.36 -26.43 -10.03
N ARG A 8 -5.69 -26.43 -10.03
CA ARG A 8 -6.49 -25.93 -11.15
C ARG A 8 -6.42 -24.41 -11.31
N ILE A 9 -6.36 -23.69 -10.16
CA ILE A 9 -6.23 -22.23 -10.08
C ILE A 9 -4.80 -21.95 -10.53
N CYS A 10 -3.83 -22.74 -10.07
CA CYS A 10 -2.43 -22.61 -10.44
C CYS A 10 -2.23 -22.76 -11.94
N HIS A 11 -3.11 -23.51 -12.64
CA HIS A 11 -2.98 -23.69 -14.07
C HIS A 11 -3.51 -22.48 -14.82
N LEU A 12 -4.48 -21.76 -14.25
CA LEU A 12 -5.05 -20.57 -14.89
C LEU A 12 -4.08 -19.44 -15.15
N PHE A 13 -3.02 -19.33 -14.34
CA PHE A 13 -2.06 -18.25 -14.48
C PHE A 13 -0.67 -18.78 -14.82
N GLU A 14 -0.73 -19.84 -15.65
CA GLU A 14 0.41 -20.61 -16.15
C GLU A 14 0.70 -20.07 -17.53
N GLN A 15 1.93 -19.63 -17.77
CA GLN A 15 2.39 -19.06 -19.04
C GLN A 15 1.35 -18.25 -19.82
N LEU A 16 0.97 -17.19 -19.13
CA LEU A 16 0.04 -16.17 -19.59
C LEU A 16 1.04 -15.27 -20.31
N SER A 17 0.80 -14.94 -21.58
CA SER A 17 1.66 -14.13 -22.47
C SER A 17 2.15 -14.98 -23.64
N ARG A 33 -21.56 -14.75 -23.85
CA ARG A 33 -21.36 -14.58 -22.42
C ARG A 33 -20.12 -13.75 -22.20
N LEU A 34 -19.16 -13.84 -23.12
CA LEU A 34 -17.92 -13.06 -23.07
C LEU A 34 -17.93 -12.08 -24.25
N LYS A 35 -19.14 -11.60 -24.57
CA LYS A 35 -19.40 -10.67 -25.65
C LYS A 35 -18.65 -9.37 -25.49
N ASN A 36 -18.94 -8.71 -24.35
CA ASN A 36 -18.35 -7.41 -24.01
C ASN A 36 -17.02 -7.37 -23.24
N VAL A 37 -16.20 -8.35 -23.58
CA VAL A 37 -14.87 -8.53 -23.03
C VAL A 37 -14.07 -8.92 -24.26
N GLY A 38 -12.83 -8.43 -24.28
CA GLY A 38 -11.92 -8.66 -25.39
C GLY A 38 -11.88 -7.40 -26.24
N LYS A 39 -11.77 -6.24 -25.61
CA LYS A 39 -11.68 -4.99 -26.33
C LYS A 39 -10.19 -4.62 -26.35
N LEU A 40 -9.50 -4.76 -25.22
CA LEU A 40 -8.09 -4.47 -25.15
C LEU A 40 -7.38 -5.70 -25.72
N GLN A 41 -6.41 -5.34 -26.53
CA GLN A 41 -5.57 -6.27 -27.27
C GLN A 41 -4.64 -7.07 -26.38
N PRO A 42 -4.38 -8.37 -26.59
CA PRO A 42 -3.26 -9.09 -25.99
C PRO A 42 -1.97 -8.36 -26.30
N GLY A 43 -0.93 -8.55 -25.49
CA GLY A 43 0.35 -7.89 -25.72
C GLY A 43 0.45 -6.47 -25.16
N ALA A 44 -0.65 -5.71 -25.17
CA ALA A 44 -0.67 -4.37 -24.64
C ALA A 44 -0.57 -4.39 -23.12
N ILE A 45 -0.08 -3.27 -22.60
CA ILE A 45 0.06 -3.10 -21.17
C ILE A 45 -1.29 -2.60 -20.61
N PHE A 46 -1.82 -3.37 -19.67
CA PHE A 46 -3.08 -3.07 -19.00
C PHE A 46 -2.81 -1.98 -17.97
N SER A 47 -3.75 -1.04 -17.91
CA SER A 47 -3.68 0.05 -16.96
C SER A 47 -4.74 -0.18 -15.87
N CYS A 48 -4.24 -0.12 -14.65
CA CYS A 48 -5.04 -0.29 -13.46
C CYS A 48 -5.69 1.02 -13.07
N PHE A 49 -5.45 2.09 -13.82
CA PHE A 49 -6.00 3.37 -13.45
C PHE A 49 -6.90 3.98 -14.50
N HIS A 50 -6.71 3.71 -15.79
CA HIS A 50 -7.55 4.25 -16.85
C HIS A 50 -8.97 3.71 -16.83
N PRO A 51 -10.03 4.54 -16.90
CA PRO A 51 -11.42 4.10 -16.81
C PRO A 51 -11.91 3.03 -17.77
N ASP A 52 -11.48 3.10 -19.03
CA ASP A 52 -11.88 2.14 -20.05
C ASP A 52 -11.26 0.78 -19.80
N HIS A 53 -10.02 0.81 -19.33
CA HIS A 53 -9.33 -0.43 -19.02
C HIS A 53 -9.99 -1.16 -17.87
N LEU A 54 -10.36 -0.44 -16.79
CA LEU A 54 -11.00 -1.01 -15.60
C LEU A 54 -12.43 -1.48 -15.75
N GLU A 55 -13.07 -0.95 -16.80
CA GLU A 55 -14.45 -1.28 -17.10
C GLU A 55 -14.53 -2.68 -17.69
N GLU A 56 -13.54 -3.02 -18.49
CA GLU A 56 -13.45 -4.32 -19.13
C GLU A 56 -12.95 -5.30 -18.09
N ALA A 57 -12.15 -4.85 -17.13
CA ALA A 57 -11.66 -5.71 -16.06
C ALA A 57 -12.86 -6.07 -15.20
N ARG A 58 -13.75 -5.10 -14.95
CA ARG A 58 -14.97 -5.29 -14.15
C ARG A 58 -15.85 -6.33 -14.83
N HIS A 59 -16.09 -6.19 -16.13
CA HIS A 59 -16.90 -7.13 -16.88
C HIS A 59 -16.36 -8.54 -16.76
N LEU A 60 -15.06 -8.78 -16.91
CA LEU A 60 -14.56 -10.13 -16.77
C LEU A 60 -14.70 -10.63 -15.33
N TYR A 61 -14.38 -9.89 -14.25
CA TYR A 61 -14.56 -10.43 -12.92
C TYR A 61 -16.03 -10.53 -12.53
N GLU A 62 -16.94 -9.93 -13.31
CA GLU A 62 -18.37 -10.02 -13.04
C GLU A 62 -18.82 -11.36 -13.61
N VAL A 63 -18.29 -11.73 -14.79
CA VAL A 63 -18.59 -13.00 -15.43
C VAL A 63 -18.07 -14.10 -14.52
N PHE A 64 -16.86 -13.92 -13.96
CA PHE A 64 -16.26 -14.90 -13.08
C PHE A 64 -17.00 -15.04 -11.76
N TRP A 65 -17.61 -14.00 -11.20
CA TRP A 65 -18.32 -14.15 -9.93
C TRP A 65 -19.74 -14.70 -10.17
N GLU A 66 -20.30 -14.43 -11.33
CA GLU A 66 -21.64 -14.90 -11.68
C GLU A 66 -21.65 -16.37 -12.03
N ALA A 67 -20.49 -16.96 -12.39
CA ALA A 67 -20.35 -18.36 -12.73
C ALA A 67 -20.92 -19.21 -11.61
N GLY A 68 -21.86 -20.11 -12.01
CA GLY A 68 -22.59 -21.04 -11.17
C GLY A 68 -21.79 -21.83 -10.13
N ASP A 69 -20.62 -22.35 -10.49
CA ASP A 69 -19.82 -23.08 -9.53
C ASP A 69 -18.37 -23.06 -9.94
N PHE A 70 -17.49 -23.73 -9.17
CA PHE A 70 -16.07 -23.78 -9.44
C PHE A 70 -15.74 -24.50 -10.74
N ASN A 71 -16.64 -25.36 -11.20
CA ASN A 71 -16.43 -26.12 -12.42
C ASN A 71 -16.64 -25.15 -13.58
N ASP A 72 -17.63 -24.25 -13.45
CA ASP A 72 -17.97 -23.28 -14.47
C ASP A 72 -17.00 -22.11 -14.46
N PHE A 73 -16.57 -21.65 -13.28
CA PHE A 73 -15.65 -20.53 -13.17
C PHE A 73 -14.37 -20.93 -13.87
N ILE A 74 -13.77 -22.10 -13.54
CA ILE A 74 -12.56 -22.55 -14.20
C ILE A 74 -12.90 -22.67 -15.68
N GLU A 75 -14.10 -23.08 -16.11
CA GLU A 75 -14.43 -23.20 -17.53
C GLU A 75 -14.36 -21.92 -18.35
N ILE A 76 -15.19 -20.90 -18.06
CA ILE A 76 -15.14 -19.65 -18.82
C ILE A 76 -13.81 -18.94 -18.59
N ALA A 77 -13.12 -19.15 -17.46
CA ALA A 77 -11.83 -18.52 -17.21
C ALA A 77 -10.81 -19.12 -18.18
N LYS A 78 -10.78 -20.45 -18.27
CA LYS A 78 -9.89 -21.20 -19.16
C LYS A 78 -10.09 -20.77 -20.60
N GLU A 79 -11.37 -20.43 -20.87
CA GLU A 79 -11.86 -19.98 -22.15
C GLU A 79 -11.49 -18.54 -22.48
N ALA A 80 -11.65 -17.62 -21.52
CA ALA A 80 -11.37 -16.21 -21.72
C ALA A 80 -9.89 -15.88 -21.82
N ARG A 81 -8.97 -16.63 -21.21
CA ARG A 81 -7.56 -16.30 -21.32
C ARG A 81 -6.94 -16.58 -22.68
N THR A 82 -7.64 -17.28 -23.56
CA THR A 82 -7.09 -17.55 -24.86
C THR A 82 -7.29 -16.37 -25.80
N PHE A 83 -8.10 -15.38 -25.42
CA PHE A 83 -8.29 -14.24 -26.32
C PHE A 83 -8.23 -12.88 -25.63
N VAL A 84 -8.33 -12.82 -24.30
CA VAL A 84 -8.29 -11.55 -23.57
C VAL A 84 -6.87 -11.15 -23.16
N ASN A 85 -6.64 -9.85 -22.92
CA ASN A 85 -5.32 -9.35 -22.51
C ASN A 85 -4.89 -10.05 -21.21
N GLU A 86 -3.64 -10.45 -21.09
CA GLU A 86 -3.16 -11.18 -19.92
C GLU A 86 -3.05 -10.40 -18.63
N GLY A 87 -3.03 -9.08 -18.71
CA GLY A 87 -2.95 -8.23 -17.53
C GLY A 87 -4.37 -8.14 -17.01
N LEU A 88 -5.28 -7.92 -17.94
CA LEU A 88 -6.69 -7.83 -17.63
C LEU A 88 -7.16 -9.11 -16.97
N PHE A 89 -6.85 -10.26 -17.59
CA PHE A 89 -7.20 -11.58 -17.11
C PHE A 89 -6.60 -11.79 -15.73
N ALA A 90 -5.31 -11.55 -15.48
CA ALA A 90 -4.72 -11.74 -14.16
C ALA A 90 -5.41 -10.95 -13.08
N PHE A 91 -5.75 -9.66 -13.38
CA PHE A 91 -6.43 -8.75 -12.46
C PHE A 91 -7.78 -9.35 -12.08
N ALA A 92 -8.57 -9.64 -13.11
CA ALA A 92 -9.90 -10.18 -13.01
C ALA A 92 -10.00 -11.56 -12.37
N ALA A 93 -9.00 -12.42 -12.58
CA ALA A 93 -8.99 -13.76 -12.03
C ALA A 93 -8.63 -13.70 -10.57
N GLU A 94 -7.77 -12.76 -10.16
CA GLU A 94 -7.40 -12.65 -8.76
C GLU A 94 -8.53 -12.07 -7.92
N VAL A 95 -9.31 -11.11 -8.45
CA VAL A 95 -10.47 -10.53 -7.75
C VAL A 95 -11.46 -11.68 -7.55
N ALA A 96 -11.59 -12.55 -8.56
CA ALA A 96 -12.48 -13.69 -8.50
C ALA A 96 -12.08 -14.70 -7.45
N VAL A 97 -10.83 -15.18 -7.42
CA VAL A 97 -10.35 -16.16 -6.44
C VAL A 97 -10.54 -15.67 -5.02
N LEU A 98 -10.25 -14.38 -4.84
CA LEU A 98 -10.38 -13.70 -3.56
C LEU A 98 -11.78 -13.52 -3.01
N HIS A 99 -12.79 -13.40 -3.90
CA HIS A 99 -14.13 -13.16 -3.41
C HIS A 99 -15.16 -14.26 -3.61
N ARG A 100 -14.84 -15.31 -4.37
CA ARG A 100 -15.80 -16.40 -4.55
C ARG A 100 -15.75 -17.31 -3.34
N ASP A 101 -16.93 -17.64 -2.82
CA ASP A 101 -17.09 -18.51 -1.68
C ASP A 101 -16.40 -19.86 -1.85
N ASP A 102 -16.54 -20.44 -3.06
CA ASP A 102 -15.94 -21.74 -3.41
C ASP A 102 -14.43 -21.77 -3.56
N CYS A 103 -13.85 -20.56 -3.58
CA CYS A 103 -12.42 -20.36 -3.68
C CYS A 103 -11.77 -20.08 -2.34
N LYS A 104 -12.58 -20.01 -1.27
CA LYS A 104 -12.09 -19.74 0.08
C LYS A 104 -11.19 -20.90 0.50
N GLY A 105 -9.96 -20.50 0.80
CA GLY A 105 -8.93 -21.43 1.23
C GLY A 105 -7.80 -21.54 0.20
N LEU A 106 -8.07 -21.04 -1.02
CA LEU A 106 -7.12 -21.05 -2.10
C LEU A 106 -6.34 -19.76 -2.29
N TYR A 107 -5.03 -20.00 -2.39
CA TYR A 107 -4.05 -18.96 -2.62
C TYR A 107 -4.08 -18.65 -4.12
N VAL A 108 -3.43 -17.55 -4.48
CA VAL A 108 -3.33 -17.14 -5.86
C VAL A 108 -1.79 -17.07 -5.99
N PRO A 109 -1.14 -17.56 -7.05
CA PRO A 109 0.32 -17.75 -7.12
C PRO A 109 1.05 -16.44 -7.26
N PRO A 110 2.30 -16.26 -6.80
CA PRO A 110 2.98 -14.98 -6.76
C PRO A 110 2.91 -14.21 -8.08
N VAL A 111 2.57 -12.92 -8.06
CA VAL A 111 2.49 -12.11 -9.28
C VAL A 111 3.85 -11.99 -9.98
N GLN A 112 4.93 -12.07 -9.19
CA GLN A 112 6.28 -11.99 -9.71
C GLN A 112 6.71 -13.28 -10.39
N GLU A 113 5.85 -14.31 -10.31
CA GLU A 113 6.09 -15.58 -10.94
C GLU A 113 5.26 -15.73 -12.19
N ILE A 114 4.11 -15.04 -12.22
CA ILE A 114 3.18 -15.01 -13.33
C ILE A 114 3.79 -14.17 -14.46
N PHE A 115 4.30 -12.99 -14.07
CA PHE A 115 4.90 -12.03 -15.00
C PHE A 115 6.26 -11.60 -14.46
N PRO A 116 7.28 -12.46 -14.48
CA PRO A 116 8.58 -12.17 -13.92
C PRO A 116 9.24 -10.97 -14.60
N ASP A 117 8.80 -10.68 -15.84
CA ASP A 117 9.32 -9.56 -16.61
C ASP A 117 8.89 -8.19 -16.07
N LYS A 118 8.03 -8.09 -15.06
CA LYS A 118 7.61 -6.81 -14.48
C LYS A 118 8.38 -6.58 -13.20
N PHE A 119 9.21 -7.55 -12.80
CA PHE A 119 9.96 -7.44 -11.56
C PHE A 119 11.45 -7.59 -11.75
N ILE A 120 11.90 -8.22 -12.83
CA ILE A 120 13.31 -8.45 -13.11
C ILE A 120 13.72 -7.56 -14.28
N PRO A 121 14.88 -6.90 -14.29
CA PRO A 121 15.42 -6.19 -15.43
C PRO A 121 15.48 -6.95 -16.75
N SER A 122 15.10 -6.17 -17.77
CA SER A 122 15.04 -6.56 -19.18
C SER A 122 16.30 -7.29 -19.64
N ALA A 123 17.46 -6.84 -19.13
CA ALA A 123 18.75 -7.41 -19.45
C ALA A 123 18.84 -8.82 -18.89
N ALA A 124 18.45 -9.02 -17.62
CA ALA A 124 18.48 -10.31 -16.98
C ALA A 124 17.59 -11.34 -17.67
N ILE A 125 16.41 -10.89 -18.12
CA ILE A 125 15.45 -11.74 -18.81
C ILE A 125 16.07 -12.18 -20.14
N ASN A 126 16.66 -11.20 -20.85
CA ASN A 126 17.31 -11.41 -22.14
C ASN A 126 18.50 -12.33 -22.05
N GLU A 127 19.31 -12.14 -20.99
CA GLU A 127 20.53 -12.89 -20.73
C GLU A 127 20.26 -14.32 -20.28
N ALA A 128 19.01 -14.79 -20.35
CA ALA A 128 18.65 -16.13 -19.93
C ALA A 128 17.31 -16.54 -20.54
N PHE A 129 17.29 -16.63 -21.87
CA PHE A 129 16.07 -16.99 -22.58
C PHE A 129 16.53 -18.10 -23.51
N LYS A 130 16.37 -19.37 -22.98
CA LYS A 130 16.82 -20.68 -23.57
C LYS A 130 18.34 -20.50 -23.67
N LYS A 131 18.78 -19.69 -22.67
CA LYS A 131 20.05 -19.06 -22.33
C LYS A 131 20.38 -18.30 -23.62
N GLY A 151 26.49 -0.89 -15.00
CA GLY A 151 27.41 0.23 -14.99
C GLY A 151 27.15 1.27 -13.89
N ASN A 152 28.23 2.01 -13.62
CA ASN A 152 28.30 3.07 -12.62
C ASN A 152 27.08 4.01 -12.41
N ILE A 153 26.91 4.58 -11.20
CA ILE A 153 25.72 5.42 -10.94
C ILE A 153 25.83 6.95 -11.02
N LEU A 154 24.91 7.54 -11.79
CA LEU A 154 24.95 8.97 -11.98
C LEU A 154 23.80 9.82 -11.46
N ASP A 155 22.95 9.23 -10.64
CA ASP A 155 21.86 10.00 -10.09
C ASP A 155 21.67 9.47 -8.68
N PRO A 156 21.62 10.33 -7.66
CA PRO A 156 21.39 9.94 -6.28
C PRO A 156 20.15 9.13 -6.00
N GLU A 157 19.12 9.19 -6.85
CA GLU A 157 17.91 8.41 -6.63
C GLU A 157 18.12 6.90 -6.74
N TYR A 158 19.24 6.51 -7.40
CA TYR A 158 19.60 5.11 -7.55
C TYR A 158 19.91 4.53 -6.17
N ARG A 159 20.34 5.37 -5.20
CA ARG A 159 20.62 4.98 -3.82
C ARG A 159 19.38 4.34 -3.17
N LEU A 160 18.17 4.78 -3.55
CA LEU A 160 16.91 4.27 -3.03
C LEU A 160 16.29 3.18 -3.87
N ALA A 161 16.98 2.57 -4.82
CA ALA A 161 16.39 1.53 -5.64
C ALA A 161 16.04 0.28 -4.84
N TYR A 162 16.76 0.02 -3.73
CA TYR A 162 16.47 -1.13 -2.87
C TYR A 162 15.04 -1.07 -2.34
N TYR A 163 14.47 0.14 -2.17
CA TYR A 163 13.11 0.27 -1.67
C TYR A 163 12.04 0.24 -2.78
N ARG A 164 12.16 1.16 -3.73
CA ARG A 164 11.22 1.28 -4.82
C ARG A 164 11.09 0.11 -5.77
N GLU A 165 12.23 -0.51 -6.09
CA GLU A 165 12.21 -1.64 -7.01
C GLU A 165 12.16 -3.00 -6.35
N ASP A 166 11.88 -3.02 -5.04
CA ASP A 166 11.80 -4.25 -4.29
C ASP A 166 10.66 -5.06 -4.85
N VAL A 167 10.92 -6.35 -5.10
CA VAL A 167 9.93 -7.28 -5.65
C VAL A 167 8.68 -7.41 -4.74
N GLY A 168 8.87 -7.60 -3.43
CA GLY A 168 7.79 -7.75 -2.49
C GLY A 168 6.90 -6.53 -2.29
N ILE A 169 7.44 -5.31 -2.39
CA ILE A 169 6.68 -4.08 -2.20
C ILE A 169 5.73 -3.81 -3.37
N ASN A 170 6.24 -4.15 -4.56
CA ASN A 170 5.52 -3.98 -5.80
C ASN A 170 4.43 -5.03 -5.86
N ALA A 171 4.77 -6.22 -5.36
CA ALA A 171 3.84 -7.34 -5.31
C ALA A 171 2.67 -6.98 -4.40
N HIS A 172 2.99 -6.44 -3.20
CA HIS A 172 1.98 -6.04 -2.21
C HIS A 172 1.03 -5.00 -2.74
N HIS A 173 1.57 -4.03 -3.46
CA HIS A 173 0.77 -2.97 -4.04
C HIS A 173 -0.26 -3.50 -5.04
N TRP A 174 0.10 -4.58 -5.78
CA TRP A 174 -0.80 -5.19 -6.75
C TRP A 174 -1.97 -5.81 -5.99
N HIS A 175 -1.63 -6.63 -4.99
CA HIS A 175 -2.60 -7.32 -4.16
C HIS A 175 -3.48 -6.43 -3.34
N TRP A 176 -2.95 -5.30 -2.84
CA TRP A 176 -3.73 -4.39 -2.04
C TRP A 176 -4.89 -3.83 -2.86
N HIS A 177 -4.62 -3.40 -4.10
CA HIS A 177 -5.64 -2.85 -4.98
C HIS A 177 -6.61 -3.88 -5.46
N LEU A 178 -6.34 -5.19 -5.34
CA LEU A 178 -7.29 -6.22 -5.76
C LEU A 178 -8.21 -6.63 -4.62
N VAL A 179 -7.77 -6.42 -3.37
CA VAL A 179 -8.59 -6.67 -2.18
C VAL A 179 -9.51 -5.44 -2.07
N TYR A 180 -8.99 -4.25 -2.41
CA TYR A 180 -9.72 -2.99 -2.35
C TYR A 180 -9.89 -2.29 -3.69
N PRO A 181 -10.57 -2.84 -4.71
CA PRO A 181 -10.59 -2.26 -6.06
C PRO A 181 -11.42 -0.99 -6.17
N SER A 182 -11.02 -0.03 -7.01
CA SER A 182 -11.78 1.22 -7.14
C SER A 182 -13.13 1.07 -7.80
N THR A 183 -13.32 0.00 -8.57
CA THR A 183 -14.57 -0.26 -9.25
C THR A 183 -15.57 -1.05 -8.41
N TRP A 184 -15.22 -1.44 -7.18
CA TRP A 184 -16.09 -2.19 -6.29
C TRP A 184 -17.46 -1.56 -6.09
N ASN A 185 -18.47 -2.29 -6.52
CA ASN A 185 -19.87 -1.89 -6.42
C ASN A 185 -20.48 -2.66 -5.25
N PRO A 186 -20.78 -2.03 -4.10
CA PRO A 186 -21.20 -2.74 -2.89
C PRO A 186 -22.55 -3.45 -3.00
N LYS A 187 -23.45 -2.97 -3.89
CA LYS A 187 -24.75 -3.61 -4.02
C LYS A 187 -24.65 -4.85 -4.87
N TYR A 188 -23.83 -4.80 -5.94
CA TYR A 188 -23.63 -5.93 -6.84
C TYR A 188 -23.14 -7.17 -6.11
N PHE A 189 -22.11 -7.00 -5.28
CA PHE A 189 -21.55 -8.12 -4.54
C PHE A 189 -22.32 -8.45 -3.25
N GLY A 190 -23.31 -7.64 -2.89
CA GLY A 190 -24.10 -7.83 -1.69
C GLY A 190 -23.38 -7.48 -0.40
N LYS A 191 -22.15 -6.93 -0.48
CA LYS A 191 -21.36 -6.57 0.69
C LYS A 191 -20.30 -5.52 0.46
N LYS A 192 -20.15 -4.71 1.52
CA LYS A 192 -19.20 -3.60 1.61
C LYS A 192 -17.80 -4.00 2.05
N LYS A 193 -16.83 -3.16 1.63
CA LYS A 193 -15.40 -3.26 1.96
C LYS A 193 -15.37 -2.15 3.00
N ASP A 194 -15.22 -2.48 4.28
CA ASP A 194 -15.25 -1.45 5.30
C ASP A 194 -14.10 -0.47 5.33
N ARG A 195 -14.52 0.81 5.37
CA ARG A 195 -13.65 1.97 5.41
C ARG A 195 -12.55 1.92 4.36
N LYS A 196 -12.97 1.51 3.16
CA LYS A 196 -12.08 1.37 2.03
C LYS A 196 -11.46 2.70 1.62
N GLY A 197 -12.21 3.81 1.67
CA GLY A 197 -11.70 5.12 1.30
C GLY A 197 -10.60 5.59 2.28
N GLU A 198 -10.82 5.29 3.57
CA GLU A 198 -9.89 5.62 4.63
C GLU A 198 -8.66 4.73 4.54
N LEU A 199 -8.81 3.49 4.02
CA LEU A 199 -7.66 2.60 3.87
C LEU A 199 -6.89 3.01 2.64
N PHE A 200 -7.53 3.51 1.57
CA PHE A 200 -6.83 3.99 0.39
C PHE A 200 -5.88 5.08 0.93
N TYR A 201 -6.40 6.06 1.70
CA TYR A 201 -5.60 7.12 2.28
C TYR A 201 -4.43 6.60 3.13
N TYR A 202 -4.71 5.72 4.09
CA TYR A 202 -3.71 5.20 4.98
C TYR A 202 -2.65 4.35 4.32
N MET A 203 -3.01 3.41 3.44
CA MET A 203 -2.01 2.60 2.79
C MET A 203 -1.03 3.46 2.00
N HIS A 204 -1.57 4.45 1.26
CA HIS A 204 -0.71 5.32 0.46
C HIS A 204 0.07 6.31 1.28
N GLN A 205 -0.45 6.83 2.40
CA GLN A 205 0.25 7.75 3.30
C GLN A 205 1.43 6.98 3.87
N GLN A 206 1.27 5.69 4.22
CA GLN A 206 2.35 4.89 4.78
C GLN A 206 3.45 4.52 3.79
N MET A 207 3.11 4.37 2.50
CA MET A 207 4.13 4.06 1.49
C MET A 207 5.05 5.25 1.33
N CYS A 208 4.46 6.46 1.47
CA CYS A 208 5.16 7.74 1.40
C CYS A 208 6.00 7.96 2.64
N ALA A 209 5.41 7.74 3.83
CA ALA A 209 6.11 7.88 5.10
C ALA A 209 7.25 6.90 5.12
N ARG A 210 7.10 5.65 4.67
CA ARG A 210 8.20 4.69 4.65
C ARG A 210 9.27 5.05 3.63
N TYR A 211 8.93 5.70 2.53
CA TYR A 211 9.90 6.13 1.51
C TYR A 211 10.76 7.26 2.09
N ASP A 212 10.14 8.23 2.80
CA ASP A 212 10.88 9.33 3.42
C ASP A 212 11.85 8.88 4.47
N CYS A 213 11.55 7.79 5.20
CA CYS A 213 12.44 7.26 6.20
C CYS A 213 13.62 6.72 5.40
N GLU A 214 13.41 6.24 4.16
CA GLU A 214 14.50 5.77 3.34
C GLU A 214 15.25 6.96 2.77
N ARG A 215 14.65 8.10 2.41
CA ARG A 215 15.45 9.22 1.91
C ARG A 215 16.35 9.73 3.01
N LEU A 216 15.81 10.00 4.21
CA LEU A 216 16.56 10.48 5.36
C LEU A 216 17.60 9.46 5.78
N SER A 217 17.38 8.14 5.61
CA SER A 217 18.35 7.11 5.96
C SER A 217 19.59 7.31 5.10
N ASN A 218 19.33 7.62 3.82
CA ASN A 218 20.36 7.87 2.82
C ASN A 218 20.85 9.29 2.76
N GLY A 219 20.57 10.11 3.78
CA GLY A 219 21.04 11.49 3.85
C GLY A 219 20.35 12.50 2.98
N MET A 220 19.25 12.12 2.33
CA MET A 220 18.48 12.98 1.45
C MET A 220 17.28 13.69 2.09
N HIS A 221 16.81 14.78 1.51
CA HIS A 221 15.65 15.54 2.01
C HIS A 221 14.37 14.76 1.79
N ARG A 222 13.35 15.12 2.55
CA ARG A 222 12.06 14.50 2.42
C ARG A 222 11.47 14.96 1.09
N MET A 223 10.69 14.05 0.49
CA MET A 223 10.08 14.29 -0.79
C MET A 223 9.08 15.44 -0.81
N LEU A 224 9.20 16.19 -1.90
CA LEU A 224 8.33 17.33 -2.12
C LEU A 224 7.10 16.91 -2.91
N PRO A 225 5.93 17.44 -2.58
CA PRO A 225 4.71 17.21 -3.33
C PRO A 225 4.66 17.84 -4.71
N PHE A 226 4.09 17.11 -5.66
CA PHE A 226 3.93 17.63 -7.00
C PHE A 226 2.61 18.39 -6.90
N ASN A 227 2.63 19.64 -6.43
CA ASN A 227 1.36 20.35 -6.35
C ASN A 227 1.13 21.46 -7.35
N ASN A 228 2.14 21.83 -8.13
CA ASN A 228 2.01 22.84 -9.18
C ASN A 228 2.01 21.91 -10.39
N PHE A 229 0.88 21.74 -11.04
CA PHE A 229 0.79 20.88 -12.20
C PHE A 229 1.51 21.38 -13.46
N ASP A 230 2.15 22.54 -13.42
CA ASP A 230 2.92 23.07 -14.54
C ASP A 230 4.38 22.72 -14.33
N GLU A 231 4.79 22.04 -13.26
CA GLU A 231 6.20 21.73 -13.08
C GLU A 231 6.73 20.64 -14.03
N PRO A 232 7.94 20.72 -14.62
CA PRO A 232 8.50 19.63 -15.42
C PRO A 232 8.82 18.43 -14.54
N LEU A 233 8.52 17.22 -14.95
CA LEU A 233 8.82 16.06 -14.14
C LEU A 233 10.24 15.53 -14.37
N ALA A 234 10.79 14.97 -13.28
CA ALA A 234 12.10 14.36 -13.34
C ALA A 234 11.83 13.05 -14.06
N GLY A 235 12.87 12.52 -14.68
CA GLY A 235 12.76 11.30 -15.44
C GLY A 235 13.10 10.02 -14.70
N TYR A 236 12.72 8.95 -15.36
CA TYR A 236 12.95 7.62 -14.90
C TYR A 236 12.90 6.67 -16.08
N ALA A 237 13.90 5.80 -16.23
CA ALA A 237 13.93 4.77 -17.28
C ALA A 237 13.74 3.44 -16.54
N PRO A 238 12.65 2.67 -16.74
CA PRO A 238 12.34 1.46 -15.99
C PRO A 238 13.11 0.21 -16.34
N HIS A 239 13.55 0.08 -17.60
CA HIS A 239 14.30 -1.06 -18.12
C HIS A 239 13.58 -2.38 -17.93
N LEU A 240 12.26 -2.36 -18.18
CA LEU A 240 11.38 -3.51 -18.06
C LEU A 240 10.78 -3.82 -19.41
N THR A 241 10.96 -5.05 -19.90
CA THR A 241 10.37 -5.44 -21.19
C THR A 241 9.03 -6.09 -20.90
N HIS A 242 8.23 -6.22 -21.96
CA HIS A 242 6.94 -6.85 -21.87
C HIS A 242 7.05 -7.85 -22.99
N VAL A 243 7.67 -8.95 -22.56
CA VAL A 243 7.96 -10.15 -23.35
C VAL A 243 6.82 -10.65 -24.24
N ALA A 244 5.57 -10.52 -23.74
CA ALA A 244 4.32 -10.91 -24.41
C ALA A 244 4.10 -10.33 -25.80
N SER A 245 4.89 -9.29 -26.11
CA SER A 245 4.82 -8.57 -27.36
C SER A 245 6.13 -7.98 -27.83
N GLY A 246 7.18 -8.14 -27.03
CA GLY A 246 8.47 -7.58 -27.41
C GLY A 246 8.46 -6.06 -27.31
N LYS A 247 7.62 -5.52 -26.44
CA LYS A 247 7.58 -4.09 -26.26
C LYS A 247 8.11 -3.74 -24.88
N TYR A 248 7.86 -2.55 -24.34
CA TYR A 248 8.40 -2.18 -23.06
C TYR A 248 7.58 -1.10 -22.38
N TYR A 249 7.87 -0.90 -21.07
CA TYR A 249 7.22 0.15 -20.30
C TYR A 249 8.11 1.31 -20.73
N SER A 250 7.43 2.28 -21.31
CA SER A 250 8.07 3.46 -21.84
C SER A 250 8.77 4.38 -20.85
N PRO A 251 10.03 4.74 -21.10
CA PRO A 251 10.82 5.62 -20.26
C PRO A 251 10.33 7.05 -20.33
N ARG A 252 10.72 7.83 -19.32
CA ARG A 252 10.33 9.22 -19.27
C ARG A 252 11.65 9.97 -19.11
N PRO A 253 12.05 10.79 -20.08
CA PRO A 253 13.20 11.67 -19.94
C PRO A 253 12.95 12.79 -18.95
N ASP A 254 14.00 13.50 -18.54
CA ASP A 254 13.80 14.61 -17.61
C ASP A 254 13.28 15.77 -18.46
N GLY A 255 12.50 16.64 -17.82
CA GLY A 255 12.01 17.84 -18.48
C GLY A 255 10.64 17.88 -19.13
N LEU A 256 9.83 16.81 -19.16
CA LEU A 256 8.51 16.87 -19.79
C LEU A 256 7.51 17.41 -18.80
N LYS A 257 6.46 18.10 -19.24
CA LYS A 257 5.44 18.64 -18.35
C LYS A 257 4.14 17.98 -18.78
N LEU A 258 3.28 17.68 -17.82
CA LEU A 258 2.00 17.05 -18.10
C LEU A 258 1.21 17.74 -19.22
N ARG A 259 0.73 17.03 -20.24
CA ARG A 259 -0.08 17.70 -21.25
C ARG A 259 -1.35 16.88 -21.38
N ASP A 260 -2.37 17.53 -21.97
CA ASP A 260 -3.67 16.96 -22.19
C ASP A 260 -3.66 15.69 -23.00
N LEU A 261 -4.33 14.67 -22.50
CA LEU A 261 -4.45 13.43 -23.25
C LEU A 261 -5.81 13.55 -23.94
N GLY A 262 -6.18 12.70 -24.90
CA GLY A 262 -7.49 12.79 -25.54
C GLY A 262 -8.65 12.59 -24.55
N ASP A 263 -8.48 11.76 -23.52
CA ASP A 263 -9.51 11.52 -22.52
C ASP A 263 -9.61 12.52 -21.37
N ILE A 264 -8.57 13.34 -21.11
CA ILE A 264 -8.60 14.29 -20.01
C ILE A 264 -7.66 15.47 -20.23
N GLU A 265 -8.08 16.64 -19.78
CA GLU A 265 -7.25 17.82 -19.90
C GLU A 265 -6.68 18.08 -18.50
N ILE A 266 -5.48 18.65 -18.41
CA ILE A 266 -4.84 18.94 -17.13
C ILE A 266 -5.61 20.00 -16.34
N SER A 267 -6.25 20.97 -17.01
CA SER A 267 -7.02 22.00 -16.33
C SER A 267 -8.27 21.42 -15.73
N GLU A 268 -8.67 20.22 -16.18
CA GLU A 268 -9.82 19.55 -15.61
C GLU A 268 -9.37 18.93 -14.29
N MET A 269 -8.12 18.47 -14.17
CA MET A 269 -7.59 17.93 -12.93
C MET A 269 -7.46 19.04 -11.90
N VAL A 270 -7.00 20.26 -12.32
CA VAL A 270 -6.87 21.43 -11.42
C VAL A 270 -8.24 21.82 -10.86
N ARG A 271 -9.27 21.61 -11.66
CA ARG A 271 -10.64 21.90 -11.31
C ARG A 271 -11.15 20.89 -10.25
N MET A 272 -10.74 19.63 -10.34
CA MET A 272 -11.14 18.60 -9.38
C MET A 272 -10.48 18.90 -8.03
N ARG A 273 -9.22 19.31 -8.01
CA ARG A 273 -8.48 19.63 -6.79
C ARG A 273 -9.12 20.79 -6.04
N GLU A 274 -9.50 21.84 -6.79
CA GLU A 274 -10.13 23.03 -6.25
C GLU A 274 -11.50 22.74 -5.66
N ARG A 275 -12.30 21.94 -6.34
CA ARG A 275 -13.61 21.57 -5.85
C ARG A 275 -13.49 20.75 -4.53
N ILE A 276 -12.47 19.90 -4.38
CA ILE A 276 -12.26 19.12 -3.17
C ILE A 276 -11.79 20.01 -2.01
N LEU A 277 -10.79 20.88 -2.19
CA LEU A 277 -10.29 21.77 -1.12
C LEU A 277 -11.41 22.66 -0.60
N ASP A 278 -12.27 23.08 -1.52
CA ASP A 278 -13.45 23.90 -1.27
C ASP A 278 -14.30 23.24 -0.18
N SER A 279 -14.67 21.99 -0.49
CA SER A 279 -15.49 21.14 0.36
C SER A 279 -14.85 20.87 1.69
N ILE A 280 -13.53 20.65 1.72
CA ILE A 280 -12.76 20.41 2.93
C ILE A 280 -12.86 21.65 3.81
N HIS A 281 -12.71 22.84 3.24
CA HIS A 281 -12.79 24.10 3.98
C HIS A 281 -14.16 24.52 4.41
N LEU A 282 -15.18 23.98 3.74
CA LEU A 282 -16.54 24.26 4.09
C LEU A 282 -17.04 23.23 5.09
N GLY A 283 -16.42 22.05 5.13
CA GLY A 283 -16.84 21.02 6.05
C GLY A 283 -17.94 20.16 5.50
N TYR A 284 -18.34 20.27 4.23
CA TYR A 284 -19.36 19.41 3.67
C TYR A 284 -19.02 19.19 2.20
N VAL A 285 -19.62 18.11 1.69
CA VAL A 285 -19.47 17.63 0.34
C VAL A 285 -20.83 17.71 -0.34
N ILE A 286 -20.87 17.97 -1.65
CA ILE A 286 -22.13 18.05 -2.36
C ILE A 286 -22.39 16.75 -3.10
N SER A 287 -23.52 16.14 -2.76
CA SER A 287 -23.99 14.90 -3.37
C SER A 287 -24.59 15.19 -4.74
N GLU A 288 -24.67 14.15 -5.58
CA GLU A 288 -25.23 14.22 -6.94
C GLU A 288 -26.59 14.92 -7.08
N ASP A 289 -27.43 14.76 -6.04
CA ASP A 289 -28.75 15.35 -6.00
C ASP A 289 -28.75 16.79 -5.47
N GLY A 290 -27.56 17.37 -5.41
CA GLY A 290 -27.36 18.72 -4.94
C GLY A 290 -27.42 18.88 -3.44
N SER A 291 -27.64 17.84 -2.63
CA SER A 291 -27.70 18.01 -1.19
C SER A 291 -26.37 17.92 -0.50
N HIS A 292 -26.29 18.38 0.75
CA HIS A 292 -25.01 18.37 1.45
C HIS A 292 -24.62 17.27 2.45
N LYS A 293 -23.64 16.39 2.19
CA LYS A 293 -23.22 15.39 3.17
C LYS A 293 -22.14 16.06 4.01
N THR A 294 -22.14 15.91 5.33
CA THR A 294 -21.13 16.53 6.17
C THR A 294 -19.88 15.73 6.38
N LEU A 295 -18.73 16.36 6.37
CA LEU A 295 -17.48 15.66 6.61
C LEU A 295 -17.24 15.59 8.13
N ASP A 296 -18.00 14.72 8.78
CA ASP A 296 -17.90 14.52 10.22
C ASP A 296 -16.62 13.76 10.62
N GLU A 297 -16.28 13.69 11.90
CA GLU A 297 -15.07 13.00 12.38
C GLU A 297 -15.05 11.50 12.21
N LEU A 298 -16.24 10.89 12.21
CA LEU A 298 -16.37 9.47 12.06
C LEU A 298 -16.04 9.01 10.65
N HIS A 299 -16.86 9.44 9.68
CA HIS A 299 -16.72 9.05 8.29
C HIS A 299 -16.09 10.01 7.30
N GLY A 300 -15.70 11.22 7.67
CA GLY A 300 -15.12 12.17 6.74
C GLY A 300 -13.92 11.65 5.95
N THR A 301 -12.92 10.98 6.53
CA THR A 301 -11.76 10.47 5.80
C THR A 301 -12.16 9.42 4.77
N ASP A 302 -13.15 8.59 5.12
CA ASP A 302 -13.63 7.57 4.20
C ASP A 302 -14.36 8.18 3.01
N ILE A 303 -15.25 9.17 3.25
CA ILE A 303 -16.01 9.88 2.20
C ILE A 303 -15.05 10.53 1.21
N LEU A 304 -14.08 11.23 1.78
CA LEU A 304 -13.05 11.92 1.04
C LEU A 304 -12.17 10.93 0.27
N GLY A 305 -11.80 9.77 0.84
CA GLY A 305 -10.97 8.78 0.16
C GLY A 305 -11.67 8.21 -1.06
N ALA A 306 -12.99 8.01 -0.96
CA ALA A 306 -13.78 7.49 -2.06
C ALA A 306 -13.86 8.50 -3.19
N LEU A 307 -13.96 9.82 -2.90
CA LEU A 307 -14.04 10.77 -3.99
C LEU A 307 -12.73 11.31 -4.49
N VAL A 308 -11.62 11.04 -3.79
CA VAL A 308 -10.32 11.54 -4.24
C VAL A 308 -9.68 10.52 -5.18
N GLU A 309 -9.67 9.25 -4.77
CA GLU A 309 -9.10 8.17 -5.56
C GLU A 309 -9.81 8.06 -6.89
N SER A 310 -11.09 7.99 -6.47
CA SER A 310 -12.34 7.83 -7.10
C SER A 310 -12.53 6.36 -7.33
N SER A 311 -13.45 6.00 -6.44
CA SER A 311 -13.95 4.66 -6.37
C SER A 311 -15.39 4.81 -6.75
N TYR A 312 -16.06 3.67 -6.88
CA TYR A 312 -17.45 3.61 -7.25
C TYR A 312 -18.37 4.34 -6.26
N GLU A 313 -17.94 4.28 -4.99
CA GLU A 313 -18.64 4.88 -3.88
C GLU A 313 -18.54 6.40 -3.68
N SER A 314 -17.96 7.11 -4.64
CA SER A 314 -17.85 8.55 -4.60
C SER A 314 -19.26 9.17 -4.60
N VAL A 315 -19.53 10.15 -3.73
CA VAL A 315 -20.84 10.80 -3.65
C VAL A 315 -21.25 11.60 -4.88
N ASN A 316 -20.28 12.03 -5.67
CA ASN A 316 -20.52 12.83 -6.86
C ASN A 316 -19.29 12.73 -7.76
N HIS A 317 -19.33 11.81 -8.71
CA HIS A 317 -18.24 11.62 -9.63
C HIS A 317 -18.18 12.73 -10.66
N GLU A 318 -19.31 13.21 -11.18
CA GLU A 318 -19.34 14.28 -12.19
C GLU A 318 -18.78 15.60 -11.71
N TYR A 319 -18.84 15.82 -10.40
CA TYR A 319 -18.32 17.04 -9.83
C TYR A 319 -16.91 16.89 -9.28
N TYR A 320 -16.64 15.90 -8.42
CA TYR A 320 -15.30 15.73 -7.86
C TYR A 320 -14.30 14.96 -8.69
N GLY A 321 -14.78 14.24 -9.71
CA GLY A 321 -13.92 13.52 -10.65
C GLY A 321 -13.29 12.23 -10.23
N ASN A 322 -12.03 12.12 -10.64
CA ASN A 322 -11.20 10.96 -10.42
C ASN A 322 -9.76 11.47 -10.38
N LEU A 323 -9.42 12.33 -9.40
CA LEU A 323 -8.10 12.92 -9.32
C LEU A 323 -6.90 12.02 -9.23
N HIS A 324 -6.76 11.22 -8.15
CA HIS A 324 -5.62 10.32 -7.99
C HIS A 324 -5.37 9.42 -9.19
N ASN A 325 -6.41 8.74 -9.68
CA ASN A 325 -6.29 7.84 -10.82
C ASN A 325 -6.04 8.62 -12.10
N TRP A 326 -6.47 9.87 -12.30
CA TRP A 326 -6.13 10.53 -13.55
C TRP A 326 -4.67 11.02 -13.54
N GLY A 327 -4.04 11.23 -12.37
CA GLY A 327 -2.64 11.64 -12.27
C GLY A 327 -1.76 10.48 -12.71
N HIS A 328 -2.08 9.26 -12.28
CA HIS A 328 -1.37 8.07 -12.70
C HIS A 328 -1.34 7.92 -14.22
N VAL A 329 -2.52 8.17 -14.85
CA VAL A 329 -2.71 8.06 -16.29
C VAL A 329 -1.99 9.14 -17.05
N THR A 330 -2.07 10.41 -16.64
CA THR A 330 -1.39 11.47 -17.38
C THR A 330 0.13 11.41 -17.18
N MET A 331 0.59 10.87 -16.04
CA MET A 331 2.02 10.78 -15.83
C MET A 331 2.54 9.57 -16.59
N ALA A 332 1.75 8.48 -16.65
CA ALA A 332 2.12 7.27 -17.37
C ALA A 332 2.18 7.46 -18.89
N ARG A 333 1.34 8.30 -19.49
CA ARG A 333 1.40 8.50 -20.92
C ARG A 333 1.97 9.88 -21.28
N ILE A 334 2.76 10.51 -20.42
CA ILE A 334 3.33 11.83 -20.70
C ILE A 334 4.24 11.90 -21.93
N HIS A 335 4.82 10.78 -22.32
CA HIS A 335 5.72 10.71 -23.47
C HIS A 335 4.95 10.59 -24.81
N ASP A 336 3.65 10.32 -24.73
CA ASP A 336 2.83 10.17 -25.91
C ASP A 336 1.38 10.52 -25.57
N PRO A 337 1.05 11.76 -25.18
CA PRO A 337 -0.26 12.15 -24.70
C PRO A 337 -1.43 11.75 -25.60
N ASP A 338 -1.26 11.79 -26.92
CA ASP A 338 -2.35 11.42 -27.78
C ASP A 338 -2.22 10.16 -28.62
N GLY A 339 -1.23 9.31 -28.35
CA GLY A 339 -1.08 8.05 -29.05
C GLY A 339 -0.38 8.01 -30.40
N ARG A 340 -0.09 9.13 -31.06
CA ARG A 340 0.57 9.14 -32.36
C ARG A 340 1.87 8.39 -32.49
N PHE A 341 2.57 8.18 -31.37
CA PHE A 341 3.84 7.48 -31.38
C PHE A 341 3.68 6.00 -31.10
N HIS A 342 2.46 5.59 -30.75
CA HIS A 342 2.07 4.23 -30.41
C HIS A 342 3.02 3.57 -29.42
N GLU A 343 3.44 4.36 -28.42
CA GLU A 343 4.33 3.90 -27.37
C GLU A 343 3.43 3.48 -26.22
N GLU A 344 3.81 2.43 -25.50
CA GLU A 344 3.05 1.91 -24.36
C GLU A 344 3.16 2.85 -23.18
N PRO A 345 2.29 2.83 -22.16
CA PRO A 345 2.45 3.64 -20.96
C PRO A 345 3.66 3.33 -20.12
N GLY A 346 3.93 4.22 -19.17
CA GLY A 346 5.05 4.05 -18.27
C GLY A 346 4.65 3.14 -17.12
N VAL A 347 5.58 2.91 -16.23
CA VAL A 347 5.43 2.07 -15.06
C VAL A 347 4.33 2.57 -14.09
N MET A 348 3.92 3.85 -14.22
CA MET A 348 2.88 4.46 -13.41
C MET A 348 1.50 3.93 -13.76
N SER A 349 1.28 3.29 -14.91
CA SER A 349 -0.04 2.77 -15.25
C SER A 349 -0.37 1.41 -14.64
N ASP A 350 0.55 0.78 -13.91
CA ASP A 350 0.35 -0.54 -13.36
C ASP A 350 0.61 -0.56 -11.88
N THR A 351 -0.17 -1.27 -11.06
CA THR A 351 0.09 -1.32 -9.63
C THR A 351 1.26 -2.21 -9.25
N SER A 352 1.75 -3.10 -10.15
CA SER A 352 2.90 -3.97 -9.93
C SER A 352 4.19 -3.25 -10.24
N THR A 353 4.11 -2.07 -10.85
CA THR A 353 5.33 -1.33 -11.21
C THR A 353 5.36 0.14 -10.83
N SER A 354 4.24 0.78 -10.43
CA SER A 354 4.30 2.21 -10.14
C SER A 354 5.13 2.70 -9.00
N LEU A 355 5.41 1.87 -8.00
CA LEU A 355 6.24 2.27 -6.88
C LEU A 355 7.70 2.46 -7.27
N ARG A 356 8.08 1.89 -8.41
CA ARG A 356 9.43 1.96 -8.93
C ARG A 356 9.86 3.34 -9.37
N ASP A 357 8.85 4.09 -9.81
CA ASP A 357 9.04 5.43 -10.32
C ASP A 357 9.06 6.47 -9.21
N PRO A 358 10.11 7.30 -9.07
CA PRO A 358 10.22 8.36 -8.08
C PRO A 358 9.05 9.34 -8.04
N ILE A 359 8.35 9.59 -9.17
CA ILE A 359 7.23 10.53 -9.16
C ILE A 359 5.98 10.00 -8.52
N PHE A 360 5.99 8.69 -8.25
CA PHE A 360 4.88 8.05 -7.56
C PHE A 360 4.78 8.75 -6.20
N TYR A 361 5.92 8.99 -5.57
CA TYR A 361 5.94 9.60 -4.25
C TYR A 361 5.62 11.08 -4.25
N ASN A 362 5.93 11.80 -5.34
CA ASN A 362 5.63 13.22 -5.48
C ASN A 362 4.12 13.37 -5.60
N TRP A 363 3.54 12.56 -6.51
CA TRP A 363 2.12 12.53 -6.75
C TRP A 363 1.35 12.12 -5.51
N HIS A 364 1.81 11.10 -4.76
CA HIS A 364 1.09 10.66 -3.59
C HIS A 364 1.30 11.51 -2.36
N ARG A 365 2.34 12.36 -2.33
CA ARG A 365 2.52 13.25 -1.19
C ARG A 365 1.56 14.39 -1.54
N PHE A 366 1.33 14.73 -2.82
CA PHE A 366 0.36 15.75 -3.21
C PHE A 366 -1.01 15.24 -2.76
N ILE A 367 -1.36 13.98 -3.02
CA ILE A 367 -2.66 13.43 -2.64
C ILE A 367 -2.80 13.31 -1.13
N ASP A 368 -1.71 12.99 -0.44
CA ASP A 368 -1.74 12.88 1.01
C ASP A 368 -2.00 14.24 1.64
N ASN A 369 -1.56 15.31 0.97
CA ASN A 369 -1.76 16.67 1.42
C ASN A 369 -3.23 17.02 1.37
N ILE A 370 -4.04 16.46 0.45
CA ILE A 370 -5.46 16.77 0.44
C ILE A 370 -6.08 16.24 1.75
N PHE A 371 -5.77 14.98 2.11
CA PHE A 371 -6.24 14.33 3.33
C PHE A 371 -5.72 14.99 4.58
N HIS A 372 -4.48 15.49 4.50
CA HIS A 372 -3.81 16.19 5.59
C HIS A 372 -4.45 17.56 5.81
N GLU A 373 -4.90 18.20 4.73
CA GLU A 373 -5.57 19.48 4.82
C GLU A 373 -6.88 19.23 5.55
N TYR A 374 -7.56 18.09 5.35
CA TYR A 374 -8.81 17.75 6.02
C TYR A 374 -8.59 17.42 7.51
N LYS A 375 -7.60 16.60 7.87
CA LYS A 375 -7.29 16.24 9.26
C LYS A 375 -6.94 17.46 10.10
N ASN A 376 -6.41 18.50 9.45
CA ASN A 376 -6.04 19.72 10.12
C ASN A 376 -7.25 20.57 10.50
N THR A 377 -8.44 20.26 9.98
CA THR A 377 -9.64 21.00 10.34
C THR A 377 -10.22 20.34 11.60
N LEU A 378 -9.65 19.17 11.96
CA LEU A 378 -10.04 18.41 13.13
C LEU A 378 -9.16 18.91 14.26
N LYS A 379 -9.87 18.82 15.38
CA LYS A 379 -9.37 19.25 16.66
C LYS A 379 -8.51 18.21 17.34
N PRO A 380 -7.39 18.69 17.91
CA PRO A 380 -6.35 17.87 18.53
C PRO A 380 -6.98 17.04 19.60
N TYR A 381 -6.53 15.80 19.69
CA TYR A 381 -7.03 14.87 20.68
C TYR A 381 -6.91 15.34 22.12
N ASP A 382 -7.94 15.07 22.91
CA ASP A 382 -7.90 15.45 24.31
C ASP A 382 -7.24 14.36 25.13
N HIS A 383 -6.74 14.73 26.32
CA HIS A 383 -6.08 13.83 27.27
C HIS A 383 -6.98 12.62 27.50
N ASP A 384 -8.28 12.86 27.54
CA ASP A 384 -9.26 11.81 27.74
C ASP A 384 -9.27 10.74 26.64
N VAL A 385 -9.13 11.10 25.37
CA VAL A 385 -9.16 10.12 24.29
C VAL A 385 -7.83 9.39 24.15
N LEU A 386 -6.73 9.96 24.64
CA LEU A 386 -5.39 9.36 24.59
C LEU A 386 -5.07 8.50 25.82
N ASN A 387 -5.41 8.97 27.02
CA ASN A 387 -5.20 8.32 28.31
C ASN A 387 -6.02 7.05 28.54
N PHE A 388 -5.37 6.02 29.10
CA PHE A 388 -5.97 4.74 29.44
C PHE A 388 -5.63 4.63 30.91
N PRO A 389 -6.55 4.96 31.83
CA PRO A 389 -6.27 5.66 33.07
C PRO A 389 -5.46 4.92 34.12
N ASP A 390 -5.71 3.64 34.37
CA ASP A 390 -4.93 2.95 35.40
C ASP A 390 -3.67 2.29 34.91
N ILE A 391 -3.41 2.41 33.60
CA ILE A 391 -2.26 1.84 32.93
C ILE A 391 -1.14 2.88 32.84
N GLN A 392 0.06 2.37 33.05
CA GLN A 392 1.25 3.17 32.97
C GLN A 392 2.30 2.32 32.29
N VAL A 393 2.85 2.79 31.16
CA VAL A 393 3.89 2.06 30.46
C VAL A 393 5.12 2.66 31.14
N GLN A 394 5.88 1.74 31.69
CA GLN A 394 7.07 2.11 32.44
C GLN A 394 8.40 1.99 31.74
N ASP A 395 8.46 1.09 30.76
CA ASP A 395 9.69 0.88 30.04
C ASP A 395 9.47 0.07 28.77
N VAL A 396 10.33 0.26 27.76
CA VAL A 396 10.26 -0.49 26.50
C VAL A 396 11.71 -0.77 26.11
N THR A 397 11.99 -2.00 25.69
CA THR A 397 13.32 -2.40 25.27
C THR A 397 13.22 -3.27 24.03
N LEU A 398 14.04 -2.99 23.03
CA LEU A 398 14.07 -3.79 21.82
C LEU A 398 15.26 -4.72 22.04
N HIS A 399 15.07 -6.04 22.02
CA HIS A 399 16.16 -6.99 22.22
C HIS A 399 16.50 -7.51 20.84
N ALA A 400 17.80 -7.52 20.48
CA ALA A 400 18.27 -7.96 19.16
C ALA A 400 19.79 -8.05 18.99
N ARG A 401 20.57 -9.00 19.55
CA ARG A 401 22.06 -9.08 19.43
C ARG A 401 22.55 -7.93 20.30
N VAL A 402 22.50 -6.67 19.84
CA VAL A 402 22.87 -5.54 20.68
C VAL A 402 21.49 -4.94 20.97
N ASP A 403 21.21 -4.74 22.26
CA ASP A 403 19.94 -4.17 22.67
C ASP A 403 19.75 -2.74 22.16
N ASN A 404 18.50 -2.46 21.75
CA ASN A 404 18.04 -1.18 21.21
C ASN A 404 18.76 -0.68 19.97
N VAL A 405 19.18 -1.65 19.16
CA VAL A 405 19.86 -1.43 17.90
C VAL A 405 19.33 -2.55 17.02
N VAL A 406 18.92 -2.18 15.81
CA VAL A 406 18.41 -3.14 14.84
C VAL A 406 19.41 -3.09 13.71
N HIS A 407 19.84 -4.25 13.19
CA HIS A 407 20.80 -4.27 12.11
C HIS A 407 20.18 -4.74 10.81
N THR A 408 20.53 -4.00 9.77
CA THR A 408 20.07 -4.25 8.42
C THR A 408 21.31 -4.52 7.55
N PHE A 409 21.04 -5.19 6.42
CA PHE A 409 22.05 -5.62 5.45
C PHE A 409 21.35 -6.05 4.15
N MET A 410 22.11 -6.31 3.06
CA MET A 410 21.48 -6.79 1.84
C MET A 410 21.54 -8.31 1.86
N ARG A 411 20.58 -8.94 1.17
CA ARG A 411 20.45 -10.39 1.13
C ARG A 411 19.91 -10.83 -0.21
N GLU A 412 20.52 -11.89 -0.75
CA GLU A 412 20.12 -12.44 -2.02
C GLU A 412 18.99 -13.43 -1.89
N GLN A 413 18.21 -13.48 -2.94
CA GLN A 413 17.07 -14.37 -3.06
C GLN A 413 16.98 -14.66 -4.55
N GLU A 414 16.37 -15.76 -4.94
CA GLU A 414 16.25 -16.11 -6.34
C GLU A 414 14.80 -15.99 -6.70
N LEU A 415 14.47 -16.02 -7.99
CA LEU A 415 13.08 -15.97 -8.44
C LEU A 415 12.95 -16.99 -9.56
N GLU A 416 11.94 -17.85 -9.48
CA GLU A 416 11.74 -18.84 -10.51
C GLU A 416 10.91 -18.20 -11.59
N LEU A 417 11.48 -18.21 -12.80
CA LEU A 417 10.88 -17.66 -14.01
C LEU A 417 10.22 -18.70 -14.92
N LYS A 418 10.23 -20.01 -14.67
CA LYS A 418 9.65 -21.00 -15.58
C LYS A 418 8.13 -21.12 -15.71
N HIS A 419 7.37 -20.40 -14.90
CA HIS A 419 5.92 -20.51 -14.98
C HIS A 419 5.28 -19.31 -15.63
N GLY A 420 6.03 -18.24 -15.87
CA GLY A 420 5.44 -17.07 -16.47
C GLY A 420 5.95 -16.70 -17.84
N SER A 428 13.91 -19.84 -19.71
CA SER A 428 13.89 -19.27 -18.37
C SER A 428 13.91 -20.24 -17.20
N ILE A 429 14.65 -19.90 -16.13
CA ILE A 429 14.72 -20.67 -14.88
C ILE A 429 14.99 -19.65 -13.76
N LYS A 430 16.03 -19.56 -12.92
CA LYS A 430 16.11 -18.55 -11.88
C LYS A 430 16.90 -17.29 -12.13
N ALA A 431 16.57 -16.24 -11.38
CA ALA A 431 17.26 -14.99 -11.48
C ALA A 431 17.49 -14.49 -10.06
N LYS A 432 18.74 -14.21 -9.73
CA LYS A 432 19.07 -13.72 -8.41
C LYS A 432 19.06 -12.21 -8.35
N TYR A 433 18.61 -11.72 -7.19
CA TYR A 433 18.54 -10.31 -6.89
C TYR A 433 18.89 -10.16 -5.42
N TYR A 434 19.07 -8.91 -4.95
CA TYR A 434 19.40 -8.62 -3.57
C TYR A 434 18.37 -7.63 -3.01
N HIS A 435 18.00 -7.79 -1.75
CA HIS A 435 17.03 -6.93 -1.08
C HIS A 435 17.46 -6.62 0.33
N LEU A 436 16.85 -5.60 0.90
CA LEU A 436 17.11 -5.17 2.26
C LEU A 436 16.43 -6.16 3.19
N ASP A 437 17.14 -6.47 4.27
CA ASP A 437 16.61 -7.33 5.31
C ASP A 437 17.16 -6.82 6.62
N HIS A 438 16.47 -7.16 7.71
CA HIS A 438 16.86 -6.77 9.06
C HIS A 438 17.02 -8.01 9.92
N GLU A 439 17.64 -7.87 11.09
CA GLU A 439 17.79 -9.00 11.98
C GLU A 439 16.48 -9.14 12.80
N PRO A 440 16.06 -10.35 13.15
CA PRO A 440 14.95 -10.61 14.07
C PRO A 440 15.09 -9.88 15.40
N PHE A 441 13.96 -9.41 15.93
CA PHE A 441 14.01 -8.72 17.21
C PHE A 441 12.72 -8.89 17.95
N SER A 442 12.67 -8.40 19.19
CA SER A 442 11.46 -8.52 19.97
C SER A 442 11.34 -7.28 20.82
N TYR A 443 10.12 -7.03 21.31
CA TYR A 443 9.87 -5.88 22.16
C TYR A 443 9.53 -6.40 23.54
N ALA A 444 9.98 -5.69 24.55
CA ALA A 444 9.68 -6.01 25.93
C ALA A 444 9.06 -4.75 26.47
N VAL A 445 7.74 -4.72 26.66
CA VAL A 445 7.11 -3.53 27.21
C VAL A 445 6.68 -3.82 28.64
N ASN A 446 7.20 -3.06 29.58
CA ASN A 446 6.88 -3.23 30.98
C ASN A 446 5.74 -2.28 31.31
N VAL A 447 4.56 -2.86 31.57
CA VAL A 447 3.35 -2.13 31.91
C VAL A 447 2.99 -2.32 33.40
N GLN A 448 2.37 -1.31 33.99
CA GLN A 448 1.94 -1.32 35.38
C GLN A 448 0.44 -1.08 35.30
N ASN A 449 -0.32 -2.05 35.78
CA ASN A 449 -1.78 -2.00 35.77
C ASN A 449 -2.15 -1.68 37.21
N ASN A 450 -2.32 -0.39 37.48
CA ASN A 450 -2.68 0.07 38.81
C ASN A 450 -4.12 -0.23 39.19
N SER A 451 -4.88 -0.92 38.35
CA SER A 451 -6.27 -1.30 38.62
C SER A 451 -6.26 -2.54 39.53
N ALA A 452 -7.42 -2.85 40.10
CA ALA A 452 -7.53 -4.03 40.94
C ALA A 452 -8.06 -5.18 40.10
N SER A 453 -8.21 -4.98 38.79
CA SER A 453 -8.71 -5.99 37.86
C SER A 453 -7.96 -5.99 36.53
N ASP A 454 -8.13 -7.16 35.88
CA ASP A 454 -7.59 -7.49 34.57
C ASP A 454 -8.07 -6.58 33.44
N LYS A 455 -7.18 -5.82 32.81
CA LYS A 455 -7.56 -4.95 31.71
C LYS A 455 -7.21 -5.66 30.40
N HIS A 456 -7.66 -5.11 29.29
CA HIS A 456 -7.43 -5.67 27.97
C HIS A 456 -6.98 -4.48 27.16
N ALA A 457 -5.79 -4.60 26.57
CA ALA A 457 -5.23 -3.52 25.78
C ALA A 457 -4.80 -3.80 24.35
N THR A 458 -4.82 -2.76 23.53
CA THR A 458 -4.33 -2.86 22.18
C THR A 458 -3.01 -2.10 22.24
N VAL A 459 -1.93 -2.81 21.89
CA VAL A 459 -0.60 -2.22 21.87
C VAL A 459 -0.44 -1.80 20.41
N ARG A 460 -0.09 -0.52 20.30
CA ARG A 460 0.14 0.19 19.04
C ARG A 460 1.60 0.60 18.98
N ILE A 461 2.38 0.11 18.04
CA ILE A 461 3.79 0.46 17.92
C ILE A 461 4.10 1.18 16.59
N PHE A 462 4.80 2.30 16.68
CA PHE A 462 5.18 3.11 15.54
C PHE A 462 6.66 3.48 15.63
N LEU A 463 7.26 3.84 14.51
CA LEU A 463 8.67 4.19 14.44
C LEU A 463 8.78 5.49 13.66
N ALA A 464 9.56 6.47 14.09
CA ALA A 464 9.66 7.73 13.37
C ALA A 464 11.05 8.30 13.53
N PRO A 465 11.70 8.90 12.53
CA PRO A 465 13.08 9.37 12.61
C PRO A 465 13.21 10.47 13.65
N LYS A 466 14.38 10.59 14.27
CA LYS A 466 14.55 11.60 15.28
C LYS A 466 15.01 12.93 14.71
N TYR A 467 15.89 12.83 13.70
CA TYR A 467 16.45 14.02 13.05
C TYR A 467 16.28 13.98 11.54
N ASP A 468 16.41 15.16 10.92
CA ASP A 468 16.32 15.18 9.48
C ASP A 468 17.76 15.05 8.94
N GLU A 469 17.91 15.02 7.62
CA GLU A 469 19.20 14.88 6.95
C GLU A 469 20.25 15.96 7.24
N LEU A 470 19.82 17.09 7.82
CA LEU A 470 20.65 18.21 8.19
C LEU A 470 20.81 18.31 9.71
N GLY A 471 20.62 17.20 10.43
CA GLY A 471 20.76 17.11 11.87
C GLY A 471 19.70 17.76 12.76
N ASN A 472 18.65 18.37 12.20
CA ASN A 472 17.61 19.02 12.99
C ASN A 472 16.57 18.10 13.63
N GLU A 473 16.13 18.43 14.85
CA GLU A 473 15.11 17.62 15.51
C GLU A 473 13.77 17.90 14.82
N ILE A 474 13.13 16.81 14.41
CA ILE A 474 11.85 16.89 13.72
C ILE A 474 10.77 17.07 14.78
N LYS A 475 10.08 18.20 14.71
CA LYS A 475 9.02 18.56 15.65
C LYS A 475 7.82 17.66 15.54
N ALA A 476 7.10 17.56 16.66
CA ALA A 476 5.91 16.74 16.81
C ALA A 476 4.91 16.66 15.68
N ASP A 477 4.53 17.79 15.10
CA ASP A 477 3.56 17.77 14.02
C ASP A 477 4.15 17.21 12.75
N GLU A 478 5.44 17.47 12.48
CA GLU A 478 6.15 16.96 11.30
C GLU A 478 6.27 15.45 11.34
N LEU A 479 6.38 14.89 12.56
CA LEU A 479 6.49 13.45 12.80
C LEU A 479 5.25 12.70 12.36
N ARG A 480 4.11 13.36 12.38
CA ARG A 480 2.86 12.77 11.95
C ARG A 480 2.98 12.23 10.54
N ARG A 481 3.69 12.94 9.66
CA ARG A 481 3.85 12.51 8.28
C ARG A 481 4.90 11.45 8.11
N THR A 482 5.87 11.27 9.03
CA THR A 482 6.91 10.26 8.86
C THR A 482 6.84 9.09 9.82
N ALA A 483 5.78 8.90 10.61
CA ALA A 483 5.70 7.77 11.54
C ALA A 483 5.10 6.54 10.85
N ILE A 484 5.85 5.43 10.85
CA ILE A 484 5.42 4.20 10.23
C ILE A 484 4.93 3.18 11.24
N GLU A 485 3.82 2.54 10.90
CA GLU A 485 3.24 1.53 11.77
C GLU A 485 4.04 0.25 11.73
N LEU A 486 4.45 -0.19 12.91
CA LEU A 486 5.18 -1.43 13.03
C LEU A 486 4.31 -2.54 13.58
N ASP A 487 3.27 -2.29 14.38
CA ASP A 487 2.45 -3.36 14.96
C ASP A 487 1.19 -2.88 15.66
N LYS A 488 0.26 -3.82 15.81
CA LYS A 488 -1.01 -3.61 16.47
C LYS A 488 -1.50 -5.00 16.88
N PHE A 489 -1.68 -5.20 18.20
CA PHE A 489 -2.09 -6.48 18.74
C PHE A 489 -2.74 -6.34 20.10
N LYS A 490 -3.60 -7.32 20.41
CA LYS A 490 -4.32 -7.44 21.68
C LYS A 490 -3.42 -8.14 22.70
N THR A 491 -3.47 -7.65 23.94
CA THR A 491 -2.73 -8.20 25.06
C THR A 491 -3.61 -8.12 26.30
N ASP A 492 -3.41 -9.04 27.25
CA ASP A 492 -4.16 -9.05 28.51
C ASP A 492 -3.28 -8.60 29.67
N LEU A 493 -3.71 -7.55 30.38
CA LEU A 493 -2.95 -7.05 31.50
C LEU A 493 -3.57 -7.45 32.82
N HIS A 494 -2.78 -8.16 33.60
CA HIS A 494 -3.20 -8.60 34.91
C HIS A 494 -2.74 -7.51 35.90
N PRO A 495 -3.26 -7.39 37.12
CA PRO A 495 -2.93 -6.27 38.01
C PRO A 495 -1.46 -6.21 38.37
N GLY A 496 -0.96 -4.99 38.61
CA GLY A 496 0.43 -4.77 38.93
C GLY A 496 1.38 -4.83 37.72
N LYS A 497 2.56 -5.43 37.91
CA LYS A 497 3.54 -5.56 36.85
C LYS A 497 3.29 -6.63 35.79
N ASN A 498 3.51 -6.18 34.55
CA ASN A 498 3.34 -7.00 33.36
C ASN A 498 4.52 -6.72 32.44
N THR A 499 4.98 -7.71 31.67
CA THR A 499 6.08 -7.52 30.73
C THR A 499 5.58 -8.21 29.47
N VAL A 500 5.22 -7.39 28.47
CA VAL A 500 4.71 -7.89 27.20
C VAL A 500 5.85 -8.12 26.23
N VAL A 501 5.94 -9.36 25.76
CA VAL A 501 6.96 -9.72 24.80
C VAL A 501 6.25 -9.90 23.46
N ARG A 502 6.87 -9.39 22.41
CA ARG A 502 6.31 -9.49 21.07
C ARG A 502 7.46 -9.71 20.12
N HIS A 503 7.28 -10.49 19.05
CA HIS A 503 8.39 -10.72 18.13
C HIS A 503 8.12 -10.04 16.81
N SER A 504 9.18 -9.56 16.16
CA SER A 504 9.11 -8.88 14.87
C SER A 504 8.40 -9.71 13.81
N LEU A 505 8.53 -11.05 13.86
CA LEU A 505 7.89 -11.92 12.89
C LEU A 505 6.37 -11.95 13.01
N ASP A 506 5.83 -11.52 14.14
CA ASP A 506 4.41 -11.54 14.30
C ASP A 506 3.69 -10.28 13.87
N SER A 507 4.45 -9.30 13.40
CA SER A 507 3.96 -8.01 12.94
C SER A 507 2.68 -8.04 12.13
N SER A 508 1.73 -7.22 12.58
CA SER A 508 0.41 -7.09 11.93
C SER A 508 0.42 -6.23 10.67
N VAL A 509 1.60 -5.79 10.28
CA VAL A 509 1.82 -4.97 9.11
C VAL A 509 2.31 -5.83 7.93
N THR A 510 3.02 -6.93 8.27
CA THR A 510 3.62 -7.81 7.28
C THR A 510 2.98 -9.14 6.95
N LEU A 511 3.35 -9.61 5.75
CA LEU A 511 2.93 -10.89 5.23
C LEU A 511 3.99 -11.84 5.75
N SER A 512 3.58 -12.84 6.50
CA SER A 512 4.49 -13.83 7.04
C SER A 512 4.82 -14.95 6.08
N HIS A 513 4.03 -15.11 5.01
CA HIS A 513 4.20 -16.23 4.08
C HIS A 513 3.73 -16.08 2.64
N GLN A 514 4.53 -16.36 1.63
CA GLN A 514 4.04 -16.29 0.26
C GLN A 514 4.61 -17.55 -0.39
N PRO A 515 3.81 -18.62 -0.48
CA PRO A 515 4.18 -19.84 -1.15
C PRO A 515 4.27 -19.66 -2.65
N THR A 516 5.38 -20.17 -3.18
CA THR A 516 5.69 -20.15 -4.61
C THR A 516 4.70 -21.00 -5.41
N PHE A 517 4.93 -21.10 -6.72
CA PHE A 517 4.08 -21.88 -7.62
C PHE A 517 4.36 -23.36 -7.38
N GLU A 518 5.65 -23.70 -7.13
CA GLU A 518 6.01 -25.08 -6.88
C GLU A 518 5.69 -25.55 -5.46
N ASP A 519 5.12 -24.64 -4.66
CA ASP A 519 4.69 -24.95 -3.31
C ASP A 519 3.24 -25.35 -3.35
N LEU A 520 2.49 -24.69 -4.25
CA LEU A 520 1.07 -24.91 -4.45
C LEU A 520 0.79 -26.06 -5.39
N LEU A 521 1.85 -26.36 -6.17
CA LEU A 521 1.98 -27.38 -7.19
C LEU A 521 1.37 -26.90 -8.52
N SER A 531 -1.85 -15.08 9.64
CA SER A 531 -3.05 -15.85 9.37
C SER A 531 -3.08 -16.63 8.05
N GLU A 532 -4.04 -16.51 7.09
CA GLU A 532 -4.03 -17.45 5.99
C GLU A 532 -3.68 -17.42 4.49
N TYR A 533 -4.72 -17.50 3.64
CA TYR A 533 -4.61 -17.60 2.20
C TYR A 533 -4.58 -16.42 1.26
N CYS A 534 -4.59 -15.19 1.79
CA CYS A 534 -4.57 -13.98 0.96
C CYS A 534 -3.15 -13.47 0.69
N SER A 535 -2.91 -12.80 -0.44
CA SER A 535 -1.57 -12.30 -0.74
C SER A 535 -1.21 -10.85 -0.36
N CYS A 536 -2.12 -10.06 0.20
CA CYS A 536 -1.84 -8.70 0.58
C CYS A 536 -1.03 -8.73 1.86
N GLY A 537 -0.11 -7.76 2.03
CA GLY A 537 0.73 -7.66 3.22
C GLY A 537 2.05 -7.00 2.93
N TRP A 538 2.58 -6.17 3.85
CA TRP A 538 3.86 -5.51 3.61
C TRP A 538 4.98 -6.58 3.60
N PRO A 539 6.03 -6.53 2.75
CA PRO A 539 7.19 -7.42 2.83
C PRO A 539 7.91 -7.50 4.17
N SER A 540 8.08 -8.70 4.72
CA SER A 540 8.76 -8.85 6.00
C SER A 540 10.14 -8.23 6.07
N HIS A 541 10.91 -8.35 4.99
CA HIS A 541 12.26 -7.82 4.97
C HIS A 541 12.37 -6.30 4.96
N LEU A 542 11.26 -5.62 4.69
CA LEU A 542 11.18 -4.16 4.64
C LEU A 542 10.37 -3.60 5.81
N LEU A 543 10.34 -4.34 6.94
CA LEU A 543 9.60 -3.94 8.13
C LEU A 543 10.12 -2.62 8.70
N VAL A 544 11.43 -2.48 8.95
CA VAL A 544 11.97 -1.23 9.45
C VAL A 544 12.77 -0.58 8.31
N PRO A 545 13.23 0.67 8.38
CA PRO A 545 14.10 1.23 7.36
C PRO A 545 15.55 0.73 7.36
N LYS A 546 16.31 1.22 6.40
CA LYS A 546 17.70 0.85 6.25
C LYS A 546 18.58 1.44 7.35
N GLY A 547 18.36 2.73 7.60
CA GLY A 547 19.17 3.47 8.58
C GLY A 547 20.54 3.64 7.94
N ASN A 548 21.58 4.05 8.65
CA ASN A 548 22.87 4.16 7.98
C ASN A 548 23.98 3.37 8.65
N VAL A 549 25.21 3.47 8.14
CA VAL A 549 26.39 2.78 8.64
C VAL A 549 26.82 3.14 10.06
N ALA A 550 26.58 4.41 10.43
CA ALA A 550 26.90 4.88 11.76
C ALA A 550 25.80 4.48 12.75
N GLY A 551 24.58 4.27 12.24
CA GLY A 551 23.45 3.90 13.07
C GLY A 551 22.55 5.14 13.23
N MET A 552 21.38 5.12 12.58
CA MET A 552 20.42 6.21 12.62
C MET A 552 19.43 6.18 13.78
N GLU A 553 19.16 7.33 14.38
CA GLU A 553 18.23 7.43 15.48
C GLU A 553 16.79 7.54 15.06
N TYR A 554 16.03 6.67 15.71
CA TYR A 554 14.60 6.54 15.51
C TYR A 554 13.86 6.43 16.83
N HIS A 555 12.70 7.07 16.88
CA HIS A 555 11.82 7.00 18.04
C HIS A 555 10.99 5.74 17.90
N LEU A 556 10.93 4.91 18.94
CA LEU A 556 10.11 3.72 18.90
C LEU A 556 9.03 4.11 19.88
N PHE A 557 7.87 4.41 19.33
CA PHE A 557 6.71 4.82 20.08
C PHE A 557 5.83 3.65 20.40
N VAL A 558 5.33 3.54 21.64
CA VAL A 558 4.45 2.45 22.03
C VAL A 558 3.26 3.11 22.72
N MET A 559 2.03 2.75 22.36
CA MET A 559 0.84 3.29 22.99
C MET A 559 -0.10 2.15 23.35
N LEU A 560 -0.70 2.16 24.54
CA LEU A 560 -1.63 1.11 24.90
C LEU A 560 -2.99 1.77 25.11
N THR A 561 -3.98 1.34 24.34
CA THR A 561 -5.33 1.88 24.45
C THR A 561 -6.30 0.79 24.87
N ASP A 562 -7.46 1.20 25.38
CA ASP A 562 -8.45 0.26 25.83
C ASP A 562 -9.14 -0.51 24.71
N TRP A 563 -8.75 -1.79 24.64
CA TRP A 563 -9.29 -2.71 23.66
C TRP A 563 -10.82 -2.84 23.72
N ASP A 564 -11.49 -2.57 24.85
CA ASP A 564 -12.95 -2.68 24.90
C ASP A 564 -13.65 -1.53 24.20
N LYS A 565 -12.85 -0.50 23.88
CA LYS A 565 -13.32 0.67 23.17
C LYS A 565 -12.90 0.59 21.71
N ASP A 566 -11.83 -0.14 21.42
CA ASP A 566 -11.31 -0.27 20.07
C ASP A 566 -11.94 -1.43 19.32
N LYS A 567 -12.28 -2.53 20.00
CA LYS A 567 -12.83 -3.70 19.32
C LYS A 567 -14.13 -3.58 18.56
N VAL A 568 -14.08 -4.08 17.32
CA VAL A 568 -15.24 -4.09 16.45
C VAL A 568 -15.48 -5.58 16.20
N ASP A 569 -16.53 -6.04 16.89
CA ASP A 569 -17.04 -7.41 16.88
C ASP A 569 -15.99 -8.46 17.28
N VAL A 574 -12.26 -14.99 11.63
CA VAL A 574 -11.87 -14.01 10.64
C VAL A 574 -10.57 -14.44 9.99
N ALA A 575 -10.62 -14.70 8.67
CA ALA A 575 -9.43 -15.10 7.94
C ALA A 575 -8.71 -13.85 7.40
N CYS A 576 -7.45 -14.07 6.99
CA CYS A 576 -6.57 -13.05 6.42
C CYS A 576 -6.32 -11.79 7.22
N VAL A 577 -5.95 -11.95 8.50
CA VAL A 577 -5.59 -10.82 9.36
C VAL A 577 -4.08 -10.82 9.69
N ASP A 578 -3.32 -11.45 8.81
CA ASP A 578 -1.88 -11.58 8.90
C ASP A 578 -1.21 -10.22 8.86
N ALA A 579 -1.74 -9.39 7.98
CA ALA A 579 -1.24 -8.05 7.79
C ALA A 579 -2.44 -7.12 7.95
N VAL A 580 -3.19 -7.26 9.07
CA VAL A 580 -4.38 -6.45 9.36
C VAL A 580 -4.29 -4.95 9.18
N SER A 581 -3.23 -4.35 9.71
CA SER A 581 -3.02 -2.92 9.65
C SER A 581 -3.20 -2.19 8.33
N TYR A 582 -2.62 -2.84 7.32
CA TYR A 582 -2.60 -2.37 5.96
C TYR A 582 -3.58 -3.08 5.06
N CYS A 583 -3.91 -4.33 5.35
CA CYS A 583 -4.82 -5.08 4.49
C CYS A 583 -6.22 -5.34 5.00
N GLY A 584 -6.51 -5.01 6.25
CA GLY A 584 -7.82 -5.27 6.81
C GLY A 584 -7.99 -6.76 7.09
N ALA A 585 -9.26 -7.20 7.16
CA ALA A 585 -9.61 -8.60 7.40
C ALA A 585 -10.60 -9.07 6.37
N ARG A 586 -10.56 -10.35 6.00
CA ARG A 586 -11.47 -10.92 4.99
C ARG A 586 -12.91 -11.04 5.48
N ASP A 587 -13.88 -10.56 4.68
CA ASP A 587 -15.31 -10.60 5.01
C ASP A 587 -15.70 -10.01 6.37
N HIS A 588 -14.81 -9.31 7.05
CA HIS A 588 -15.06 -8.73 8.35
C HIS A 588 -14.68 -7.28 8.23
N LYS A 589 -15.24 -6.46 9.11
CA LYS A 589 -14.88 -5.06 9.07
C LYS A 589 -13.60 -4.83 9.84
N TYR A 590 -12.92 -3.75 9.47
CA TYR A 590 -11.64 -3.37 10.06
C TYR A 590 -11.71 -3.40 11.58
N PRO A 591 -10.96 -4.30 12.23
CA PRO A 591 -11.07 -4.63 13.64
C PRO A 591 -10.48 -3.61 14.61
N ASP A 592 -10.64 -2.33 14.32
CA ASP A 592 -10.14 -1.28 15.16
C ASP A 592 -10.99 -0.09 14.83
N LYS A 593 -11.68 0.43 15.85
CA LYS A 593 -12.55 1.59 15.67
C LYS A 593 -11.74 2.87 15.64
N LYS A 594 -10.50 2.89 16.17
CA LYS A 594 -9.71 4.10 16.12
C LYS A 594 -9.31 4.44 14.70
N PRO A 595 -9.15 5.72 14.34
CA PRO A 595 -8.81 6.12 12.98
C PRO A 595 -7.44 5.61 12.65
N MET A 596 -7.28 5.20 11.39
CA MET A 596 -6.02 4.64 10.92
C MET A 596 -4.91 5.68 11.02
N GLY A 597 -3.89 5.31 11.80
CA GLY A 597 -2.75 6.16 12.04
C GLY A 597 -2.80 6.80 13.42
N PHE A 598 -3.81 6.50 14.27
CA PHE A 598 -3.95 7.04 15.62
C PHE A 598 -2.71 6.64 16.40
N PRO A 599 -2.10 7.51 17.22
CA PRO A 599 -2.55 8.87 17.51
C PRO A 599 -2.04 10.02 16.63
N PHE A 600 -1.39 9.68 15.50
CA PHE A 600 -0.80 10.64 14.58
C PHE A 600 -1.63 11.18 13.43
N ASP A 601 -2.96 11.21 13.47
CA ASP A 601 -3.68 11.71 12.33
C ASP A 601 -4.21 13.13 12.48
N ARG A 602 -4.46 13.58 13.71
CA ARG A 602 -4.97 14.93 13.97
C ARG A 602 -3.79 15.82 14.36
N PRO A 603 -3.84 17.16 14.21
CA PRO A 603 -2.75 18.06 14.59
C PRO A 603 -2.35 18.05 16.06
N ILE A 604 -1.04 17.93 16.27
CA ILE A 604 -0.41 17.90 17.58
C ILE A 604 0.13 19.32 17.79
N HIS A 605 -0.39 20.00 18.81
CA HIS A 605 0.07 21.33 19.08
C HIS A 605 1.33 21.52 19.93
N THR A 606 1.80 20.49 20.66
CA THR A 606 3.03 20.60 21.45
C THR A 606 4.22 20.62 20.48
N GLU A 607 5.36 21.18 20.89
CA GLU A 607 6.53 21.26 20.01
C GLU A 607 7.37 19.99 19.87
N HIS A 608 7.68 19.35 21.00
CA HIS A 608 8.48 18.13 21.00
C HIS A 608 7.50 17.02 21.31
N ILE A 609 7.67 15.87 20.68
CA ILE A 609 6.77 14.75 20.90
C ILE A 609 6.82 14.14 22.30
N SER A 610 7.89 14.35 23.08
CA SER A 610 7.92 13.80 24.42
C SER A 610 6.95 14.58 25.28
N ASP A 611 6.64 15.84 24.94
CA ASP A 611 5.69 16.62 25.73
C ASP A 611 4.24 16.24 25.39
N PHE A 612 4.06 15.47 24.33
CA PHE A 612 2.74 14.99 23.90
C PHE A 612 2.34 13.70 24.64
N LEU A 613 3.33 13.01 25.22
CA LEU A 613 3.07 11.75 25.89
C LEU A 613 2.30 11.72 27.17
N THR A 614 1.34 10.81 27.14
CA THR A 614 0.49 10.55 28.31
C THR A 614 1.07 9.31 28.99
N ASN A 615 0.49 8.80 30.09
CA ASN A 615 1.01 7.62 30.80
C ASN A 615 0.97 6.30 30.08
N ASN A 616 -0.01 6.13 29.19
CA ASN A 616 -0.08 4.90 28.45
C ASN A 616 0.76 4.95 27.16
N MET A 617 1.72 5.89 27.06
CA MET A 617 2.61 6.05 25.89
C MET A 617 4.05 6.11 26.38
N PHE A 618 4.97 5.62 25.54
CA PHE A 618 6.39 5.63 25.86
C PHE A 618 7.26 5.67 24.60
N ILE A 619 8.31 6.49 24.60
CA ILE A 619 9.22 6.57 23.47
C ILE A 619 10.58 6.06 23.91
N LYS A 620 11.09 5.06 23.18
CA LYS A 620 12.41 4.52 23.44
C LYS A 620 13.22 4.91 22.23
N ASP A 621 14.38 5.54 22.43
CA ASP A 621 15.19 5.91 21.28
C ASP A 621 16.10 4.74 20.97
N ILE A 622 15.95 4.23 19.75
CA ILE A 622 16.75 3.12 19.27
C ILE A 622 17.60 3.61 18.11
N LYS A 623 18.41 2.73 17.54
CA LYS A 623 19.28 3.06 16.41
C LYS A 623 19.23 1.93 15.41
N ILE A 624 19.09 2.22 14.12
CA ILE A 624 19.09 1.19 13.09
C ILE A 624 20.46 1.35 12.40
N LYS A 625 21.24 0.27 12.31
CA LYS A 625 22.55 0.28 11.71
C LYS A 625 22.67 -0.67 10.51
N PHE A 626 23.14 -0.17 9.37
CA PHE A 626 23.33 -0.98 8.16
C PHE A 626 24.76 -1.51 7.98
N HIS A 627 24.87 -2.58 7.17
CA HIS A 627 26.12 -3.24 6.84
C HIS A 627 26.25 -3.63 5.35
CU CU B . -1.83 5.76 -6.48
CU CU C . -1.89 2.40 -5.20
O1 OXY D . -2.65 3.74 -6.40
O2 OXY D . -1.31 3.82 -5.97
#